data_3HZ1
#
_entry.id   3HZ1
#
_cell.length_a   66.952
_cell.length_b   91.061
_cell.length_c   99.310
_cell.angle_alpha   90.00
_cell.angle_beta   90.00
_cell.angle_gamma   90.00
#
_symmetry.space_group_name_H-M   'I 2 2 2'
#
loop_
_entity.id
_entity.type
_entity.pdbx_description
1 polymer 'Heat shock protein HSP 90-alpha'
2 non-polymer N,N-dimethyl-7H-purin-6-amine
3 non-polymer 'methyl 5-furan-2-yl-3-methyl-1H-pyrazole-4-carboxylate'
4 water water
#
_entity_poly.entity_id   1
_entity_poly.type   'polypeptide(L)'
_entity_poly.pdbx_seq_one_letter_code
;MGSSHHHHHHSSGLVPRGSHMDQPMEEEEVETFAFQAEIAQLMSLIINTFYSNKEIFLRELISNSSDALDKIRYESLTDP
SKLDSGKELHINLIPNKQDRTLTIVDTGIGMTKADLINNLGTIAKSGTKAFMEALQAGADISMIGQFGVGFYSAYLVAEK
VTVITKHNDDEQYAWESSAGGSFTVRTDTGEPMGRGTKVILHLKEDQTEYLEERRIKEIVKKHSQFIGYPITLFVEKERD
KEVSDDEAE
;
_entity_poly.pdbx_strand_id   A
#
loop_
_chem_comp.id
_chem_comp.type
_chem_comp.name
_chem_comp.formula
37D non-polymer 'methyl 5-furan-2-yl-3-methyl-1H-pyrazole-4-carboxylate' 'C10 H10 N2 O3'
42C non-polymer N,N-dimethyl-7H-purin-6-amine 'C7 H9 N5'
#
# COMPACT_ATOMS: atom_id res chain seq x y z
N GLU A 29 15.45 -14.33 -10.37
CA GLU A 29 16.45 -13.21 -10.39
C GLU A 29 15.86 -11.94 -9.71
N VAL A 30 16.60 -11.34 -8.78
CA VAL A 30 16.11 -10.20 -7.99
C VAL A 30 16.79 -8.93 -8.44
N GLU A 31 16.02 -7.94 -8.90
CA GLU A 31 16.63 -6.66 -9.24
C GLU A 31 16.57 -5.67 -8.04
N THR A 32 17.67 -4.98 -7.77
CA THR A 32 17.75 -4.02 -6.66
C THR A 32 17.83 -2.59 -7.21
N PHE A 33 16.99 -1.70 -6.70
CA PHE A 33 16.93 -0.31 -7.19
C PHE A 33 17.14 0.66 -6.04
N ALA A 34 17.73 1.82 -6.34
CA ALA A 34 17.85 2.93 -5.39
C ALA A 34 16.62 3.80 -5.43
N PHE A 35 16.00 4.08 -4.27
CA PHE A 35 14.95 5.09 -4.28
C PHE A 35 15.65 6.41 -4.70
N GLN A 36 14.94 7.26 -5.39
CA GLN A 36 15.36 8.68 -5.48
C GLN A 36 15.56 9.32 -4.09
N ALA A 37 16.59 10.16 -3.97
CA ALA A 37 17.00 10.75 -2.71
C ALA A 37 15.84 11.29 -1.89
N GLU A 38 14.86 11.93 -2.56
CA GLU A 38 13.70 12.54 -1.94
C GLU A 38 12.72 11.54 -1.27
N ILE A 39 12.47 10.42 -1.93
CA ILE A 39 11.63 9.36 -1.39
C ILE A 39 12.36 8.73 -0.21
N ALA A 40 13.66 8.43 -0.33
CA ALA A 40 14.48 7.98 0.82
C ALA A 40 14.36 8.92 2.03
N GLN A 41 14.43 10.22 1.78
CA GLN A 41 14.21 11.24 2.78
C GLN A 41 12.87 11.08 3.46
N LEU A 42 11.84 11.00 2.63
CA LEU A 42 10.49 10.87 3.15
C LEU A 42 10.38 9.61 4.00
N MET A 43 10.87 8.49 3.46
CA MET A 43 10.80 7.24 4.19
C MET A 43 11.48 7.38 5.54
N SER A 44 12.69 7.97 5.57
CA SER A 44 13.40 8.18 6.82
C SER A 44 12.61 9.10 7.79
N LEU A 45 12.05 10.19 7.27
CA LEU A 45 11.21 11.01 8.12
C LEU A 45 10.09 10.19 8.80
N ILE A 46 9.31 9.46 8.01
CA ILE A 46 8.19 8.65 8.57
C ILE A 46 8.67 7.70 9.64
N ILE A 47 9.80 7.07 9.35
CA ILE A 47 10.46 6.12 10.27
C ILE A 47 11.01 6.79 11.53
N ASN A 48 11.55 8.01 11.40
CA ASN A 48 12.27 8.64 12.49
C ASN A 48 11.52 9.62 13.41
N THR A 49 10.54 10.37 12.86
CA THR A 49 9.83 11.38 13.61
C THR A 49 8.89 10.81 14.68
N PHE A 50 8.86 11.46 15.84
CA PHE A 50 8.04 11.00 16.92
C PHE A 50 6.56 11.38 16.64
N TYR A 51 5.71 10.38 16.47
CA TYR A 51 4.38 10.64 16.00
C TYR A 51 3.44 9.49 16.43
N SER A 52 2.64 9.73 17.44
CA SER A 52 1.86 8.68 18.13
C SER A 52 0.61 8.15 17.38
N ASN A 53 0.06 8.98 16.49
CA ASN A 53 -1.19 8.65 15.74
C ASN A 53 -0.96 7.76 14.49
N LYS A 54 -0.32 6.61 14.68
CA LYS A 54 0.10 5.72 13.62
C LYS A 54 -1.04 5.02 12.87
N GLU A 55 -2.18 4.91 13.51
CA GLU A 55 -3.28 4.17 12.95
C GLU A 55 -3.76 4.62 11.60
N ILE A 56 -3.38 5.83 11.22
CA ILE A 56 -3.84 6.42 9.96
C ILE A 56 -3.25 5.67 8.74
N PHE A 57 -2.19 4.88 8.97
CA PHE A 57 -1.63 4.05 7.89
C PHE A 57 -2.72 3.22 7.22
N LEU A 58 -3.65 2.70 8.02
CA LEU A 58 -4.68 1.76 7.50
C LEU A 58 -5.72 2.48 6.60
N ARG A 59 -6.13 3.69 6.99
CA ARG A 59 -7.05 4.51 6.18
C ARG A 59 -6.40 4.77 4.86
N GLU A 60 -5.08 5.00 4.87
CA GLU A 60 -4.37 5.38 3.64
C GLU A 60 -4.28 4.22 2.67
N LEU A 61 -4.01 3.05 3.22
CA LEU A 61 -3.87 1.84 2.38
C LEU A 61 -5.25 1.42 1.86
N ILE A 62 -6.26 1.46 2.73
CA ILE A 62 -7.66 1.16 2.25
C ILE A 62 -8.09 2.14 1.14
N SER A 63 -7.78 3.41 1.35
CA SER A 63 -8.07 4.41 0.34
C SER A 63 -7.28 4.22 -0.99
N ASN A 64 -5.99 3.81 -0.88
CA ASN A 64 -5.25 3.40 -2.07
C ASN A 64 -5.93 2.24 -2.84
N SER A 65 -6.40 1.24 -2.11
CA SER A 65 -7.12 0.13 -2.69
C SER A 65 -8.42 0.57 -3.33
N SER A 66 -9.15 1.44 -2.65
CA SER A 66 -10.37 2.00 -3.19
C SER A 66 -10.16 2.75 -4.49
N ASP A 67 -9.10 3.56 -4.57
CA ASP A 67 -8.80 4.21 -5.86
C ASP A 67 -8.41 3.20 -6.93
N ALA A 68 -7.65 2.15 -6.55
CA ALA A 68 -7.30 1.13 -7.58
C ALA A 68 -8.56 0.37 -8.11
N LEU A 69 -9.52 0.16 -7.23
CA LEU A 69 -10.79 -0.48 -7.60
C LEU A 69 -11.67 0.43 -8.45
N ASP A 70 -11.75 1.73 -8.10
CA ASP A 70 -12.44 2.72 -8.95
C ASP A 70 -11.88 2.67 -10.39
N LYS A 71 -10.54 2.63 -10.50
CA LYS A 71 -9.89 2.72 -11.81
C LYS A 71 -10.22 1.52 -12.67
N ILE A 72 -10.12 0.29 -12.11
CA ILE A 72 -10.50 -0.88 -12.89
C ILE A 72 -11.96 -0.86 -13.22
N ARG A 73 -12.78 -0.45 -12.28
CA ARG A 73 -14.23 -0.40 -12.57
C ARG A 73 -14.49 0.57 -13.73
N TYR A 74 -13.91 1.74 -13.66
CA TYR A 74 -14.06 2.73 -14.74
C TYR A 74 -13.67 2.17 -16.14
N GLU A 75 -12.48 1.61 -16.26
CA GLU A 75 -11.96 1.02 -17.48
C GLU A 75 -12.78 -0.10 -18.04
N SER A 76 -13.35 -0.89 -17.15
CA SER A 76 -14.29 -1.93 -17.50
C SER A 76 -15.57 -1.51 -18.26
N LEU A 77 -15.99 -0.25 -18.16
CA LEU A 77 -17.22 0.17 -18.78
C LEU A 77 -16.98 0.29 -20.27
N THR A 78 -15.76 0.63 -20.66
CA THR A 78 -15.44 0.72 -22.08
C THR A 78 -14.72 -0.48 -22.68
N ASP A 79 -14.29 -1.39 -21.80
CA ASP A 79 -13.71 -2.63 -22.24
C ASP A 79 -14.03 -3.69 -21.20
N PRO A 80 -15.16 -4.41 -21.38
CA PRO A 80 -15.58 -5.44 -20.42
C PRO A 80 -14.56 -6.60 -20.18
N SER A 81 -13.66 -6.82 -21.13
CA SER A 81 -12.71 -7.93 -21.04
C SER A 81 -11.58 -7.69 -19.97
N LYS A 82 -11.54 -6.46 -19.47
CA LYS A 82 -10.63 -6.06 -18.41
C LYS A 82 -10.96 -6.78 -17.12
N LEU A 83 -12.19 -7.29 -17.02
CA LEU A 83 -12.66 -8.02 -15.85
C LEU A 83 -12.58 -9.56 -16.00
N ASP A 84 -11.92 -10.01 -17.07
CA ASP A 84 -11.79 -11.44 -17.33
C ASP A 84 -10.86 -12.03 -16.26
N SER A 85 -10.01 -11.17 -15.71
CA SER A 85 -9.10 -11.54 -14.63
C SER A 85 -9.77 -11.49 -13.23
N GLY A 86 -11.11 -11.48 -13.21
CA GLY A 86 -11.90 -11.58 -11.98
C GLY A 86 -12.90 -10.42 -11.95
N LYS A 87 -14.14 -10.72 -11.59
CA LYS A 87 -15.18 -9.70 -11.52
C LYS A 87 -15.37 -9.02 -10.16
N GLU A 88 -15.01 -9.69 -9.06
CA GLU A 88 -15.30 -9.13 -7.76
C GLU A 88 -14.34 -7.97 -7.42
N LEU A 89 -14.92 -6.88 -6.98
CA LEU A 89 -14.23 -5.68 -6.59
C LEU A 89 -14.40 -5.55 -5.08
N HIS A 90 -13.31 -5.88 -4.36
CA HIS A 90 -13.34 -6.04 -2.93
C HIS A 90 -11.98 -5.73 -2.27
N ILE A 91 -12.03 -5.58 -0.94
CA ILE A 91 -10.89 -5.32 -0.12
C ILE A 91 -10.97 -6.30 1.08
N ASN A 92 -9.88 -7.07 1.26
CA ASN A 92 -9.68 -8.00 2.37
C ASN A 92 -8.56 -7.57 3.27
N LEU A 93 -8.82 -7.62 4.57
CA LEU A 93 -7.84 -7.29 5.58
C LEU A 93 -7.47 -8.60 6.32
N ILE A 94 -6.20 -8.99 6.19
CA ILE A 94 -5.76 -10.30 6.67
C ILE A 94 -4.61 -10.28 7.66
N PRO A 95 -4.91 -10.48 8.95
CA PRO A 95 -3.93 -10.47 10.05
C PRO A 95 -3.34 -11.87 10.24
N ASN A 96 -2.05 -11.96 10.48
CA ASN A 96 -1.46 -13.26 10.74
C ASN A 96 -0.42 -13.10 11.83
N LYS A 97 -0.71 -13.55 13.05
CA LYS A 97 0.17 -13.42 14.23
C LYS A 97 1.42 -14.30 14.22
N GLN A 98 1.30 -15.49 13.66
CA GLN A 98 2.42 -16.39 13.49
C GLN A 98 3.48 -15.65 12.67
N ASP A 99 3.05 -15.00 11.58
CA ASP A 99 3.95 -14.38 10.62
C ASP A 99 4.25 -12.93 11.01
N ARG A 100 3.38 -12.38 11.90
CA ARG A 100 3.37 -10.97 12.27
C ARG A 100 3.16 -10.02 11.06
N THR A 101 2.16 -10.32 10.26
CA THR A 101 1.86 -9.51 9.12
C THR A 101 0.40 -9.09 9.13
N LEU A 102 0.13 -7.92 8.57
CA LEU A 102 -1.22 -7.49 8.22
C LEU A 102 -1.17 -7.22 6.74
N THR A 103 -2.05 -7.88 5.97
CA THR A 103 -2.00 -7.84 4.53
C THR A 103 -3.29 -7.12 4.12
N ILE A 104 -3.17 -6.09 3.29
CA ILE A 104 -4.35 -5.46 2.64
C ILE A 104 -4.39 -5.93 1.15
N VAL A 105 -5.44 -6.65 0.82
CA VAL A 105 -5.61 -7.27 -0.44
C VAL A 105 -6.72 -6.47 -1.19
N ASP A 106 -6.45 -6.09 -2.42
CA ASP A 106 -7.54 -5.60 -3.27
C ASP A 106 -7.51 -6.30 -4.60
N THR A 107 -8.67 -6.35 -5.28
CA THR A 107 -8.72 -6.75 -6.70
C THR A 107 -8.86 -5.55 -7.64
N GLY A 108 -8.15 -4.49 -7.33
CA GLY A 108 -8.18 -3.31 -8.19
C GLY A 108 -7.31 -3.47 -9.41
N ILE A 109 -6.89 -2.36 -9.99
CA ILE A 109 -6.25 -2.41 -11.32
C ILE A 109 -4.85 -3.05 -11.34
N GLY A 110 -4.16 -3.12 -10.19
CA GLY A 110 -2.80 -3.71 -10.13
C GLY A 110 -1.73 -2.73 -10.62
N MET A 111 -0.47 -3.11 -10.47
CA MET A 111 0.59 -2.24 -10.91
C MET A 111 1.51 -2.96 -11.89
N THR A 112 1.94 -2.26 -12.95
CA THR A 112 2.93 -2.84 -13.84
C THR A 112 4.39 -2.65 -13.30
N LYS A 113 5.30 -3.37 -13.94
CA LYS A 113 6.70 -3.23 -13.64
C LYS A 113 7.13 -1.77 -13.80
N ALA A 114 6.64 -1.13 -14.85
CA ALA A 114 6.97 0.30 -15.08
C ALA A 114 6.42 1.24 -13.97
N ASP A 115 5.25 0.94 -13.43
CA ASP A 115 4.75 1.64 -12.26
C ASP A 115 5.74 1.45 -11.11
N LEU A 116 6.13 0.19 -10.86
CA LEU A 116 6.99 -0.13 -9.67
C LEU A 116 8.35 0.60 -9.68
N ILE A 117 8.94 0.65 -10.86
CA ILE A 117 10.28 1.04 -11.04
C ILE A 117 10.43 2.47 -11.49
N ASN A 118 9.53 2.93 -12.37
CA ASN A 118 9.58 4.30 -12.89
C ASN A 118 8.39 5.19 -12.49
N ASN A 119 7.15 4.82 -12.80
CA ASN A 119 6.07 5.82 -12.84
C ASN A 119 5.71 6.36 -11.48
N LEU A 120 5.71 5.48 -10.47
CA LEU A 120 5.22 5.86 -9.11
C LEU A 120 5.93 6.87 -8.18
N GLY A 121 7.22 6.83 -7.91
CA GLY A 121 8.33 6.86 -8.83
C GLY A 121 8.46 8.37 -9.10
N THR A 122 8.11 8.71 -10.32
CA THR A 122 8.11 10.07 -10.80
C THR A 122 7.00 10.89 -10.10
N ILE A 123 5.81 10.31 -9.95
CA ILE A 123 4.70 10.98 -9.27
C ILE A 123 4.99 11.25 -7.81
N ALA A 124 5.64 10.31 -7.14
CA ALA A 124 6.00 10.49 -5.71
C ALA A 124 7.03 11.61 -5.38
N LYS A 125 7.81 12.02 -6.38
CA LYS A 125 8.88 13.01 -6.21
C LYS A 125 8.34 14.38 -5.82
N SER A 126 7.34 14.82 -6.59
CA SER A 126 6.63 16.06 -6.38
C SER A 126 5.63 16.04 -5.17
N GLY A 127 5.01 14.89 -4.88
CA GLY A 127 4.13 14.81 -3.73
C GLY A 127 4.98 14.92 -2.46
N THR A 128 6.17 14.30 -2.52
CA THR A 128 7.09 14.25 -1.39
C THR A 128 7.52 15.64 -1.02
N LYS A 129 7.97 16.36 -2.04
CA LYS A 129 8.46 17.73 -1.91
C LYS A 129 7.39 18.59 -1.26
N ALA A 130 6.18 18.59 -1.84
CA ALA A 130 5.03 19.37 -1.31
C ALA A 130 4.71 18.95 0.11
N PHE A 131 4.77 17.66 0.39
CA PHE A 131 4.43 17.18 1.72
C PHE A 131 5.50 17.67 2.74
N MET A 132 6.76 17.58 2.34
CA MET A 132 7.89 18.12 3.14
C MET A 132 7.71 19.58 3.49
N GLU A 133 7.39 20.38 2.48
CA GLU A 133 7.20 21.79 2.67
C GLU A 133 6.05 22.07 3.66
N ALA A 134 4.88 21.48 3.42
CA ALA A 134 3.74 21.58 4.37
C ALA A 134 4.07 21.18 5.81
N LEU A 135 4.92 20.17 6.00
CA LEU A 135 5.31 19.74 7.35
C LEU A 135 6.13 20.80 8.11
N GLN A 136 7.11 21.41 7.42
CA GLN A 136 7.85 22.61 7.90
C GLN A 136 6.92 23.74 8.31
N ALA A 137 5.83 23.87 7.55
CA ALA A 137 4.79 24.87 7.77
C ALA A 137 3.69 24.46 8.83
N GLY A 138 3.97 23.46 9.66
CA GLY A 138 3.03 22.97 10.70
C GLY A 138 1.95 21.95 10.29
N ALA A 139 1.95 21.49 9.04
CA ALA A 139 1.01 20.42 8.72
C ALA A 139 1.47 19.14 9.42
N ASP A 140 0.62 18.15 9.36
CA ASP A 140 0.72 17.04 10.22
C ASP A 140 0.99 15.76 9.36
N ILE A 141 1.68 14.76 9.91
CA ILE A 141 1.91 13.50 9.23
C ILE A 141 0.64 12.77 8.69
N SER A 142 -0.48 12.94 9.38
CA SER A 142 -1.79 12.37 8.99
C SER A 142 -2.31 12.92 7.67
N MET A 143 -1.77 14.07 7.24
CA MET A 143 -2.16 14.65 5.95
C MET A 143 -1.42 14.09 4.69
N ILE A 144 -0.71 12.98 4.85
CA ILE A 144 0.16 12.44 3.77
C ILE A 144 -0.59 12.12 2.48
N GLY A 145 -1.83 11.64 2.64
CA GLY A 145 -2.80 11.35 1.56
C GLY A 145 -3.14 12.46 0.58
N GLN A 146 -3.12 13.69 1.08
CA GLN A 146 -3.35 14.89 0.21
C GLN A 146 -2.22 15.14 -0.75
N PHE A 147 -1.14 14.38 -0.60
CA PHE A 147 0.04 14.62 -1.41
C PHE A 147 0.39 13.40 -2.20
N GLY A 148 -0.52 12.42 -2.26
CA GLY A 148 -0.44 11.27 -3.17
C GLY A 148 0.65 10.24 -2.77
N VAL A 149 1.09 10.31 -1.52
CA VAL A 149 2.17 9.45 -1.06
C VAL A 149 1.79 8.66 0.20
N GLY A 150 0.49 8.48 0.44
CA GLY A 150 -0.01 7.75 1.60
C GLY A 150 0.52 6.35 1.72
N PHE A 151 0.83 5.69 0.61
CA PHE A 151 1.43 4.34 0.68
C PHE A 151 2.62 4.32 1.65
N TYR A 152 3.49 5.34 1.62
CA TYR A 152 4.65 5.35 2.54
C TYR A 152 4.28 5.41 4.02
N SER A 153 3.01 5.68 4.34
CA SER A 153 2.58 5.73 5.78
C SER A 153 2.68 4.33 6.40
N ALA A 154 2.74 3.32 5.54
CA ALA A 154 2.90 1.95 5.99
C ALA A 154 4.15 1.74 6.86
N TYR A 155 5.21 2.55 6.62
CA TYR A 155 6.45 2.57 7.45
C TYR A 155 6.33 3.19 8.85
N LEU A 156 5.12 3.64 9.21
CA LEU A 156 4.80 4.03 10.58
C LEU A 156 4.75 2.79 11.43
N VAL A 157 4.23 1.70 10.84
CA VAL A 157 4.01 0.48 11.58
C VAL A 157 4.79 -0.78 11.11
N ALA A 158 5.38 -0.73 9.91
CA ALA A 158 6.04 -1.90 9.30
C ALA A 158 7.52 -1.69 9.22
N GLU A 159 8.28 -2.73 9.53
CA GLU A 159 9.72 -2.64 9.44
C GLU A 159 10.05 -3.03 7.96
N LYS A 160 9.13 -3.77 7.35
CA LYS A 160 9.31 -4.26 6.00
C LYS A 160 7.93 -4.28 5.30
N VAL A 161 7.89 -3.83 4.04
CA VAL A 161 6.72 -3.94 3.22
C VAL A 161 6.99 -4.73 1.96
N THR A 162 6.17 -5.74 1.76
CA THR A 162 6.18 -6.52 0.54
C THR A 162 4.89 -6.24 -0.23
N VAL A 163 4.98 -6.00 -1.52
CA VAL A 163 3.78 -5.70 -2.29
C VAL A 163 3.76 -6.66 -3.44
N ILE A 164 2.68 -7.46 -3.49
CA ILE A 164 2.48 -8.37 -4.58
C ILE A 164 1.39 -7.77 -5.45
N THR A 165 1.59 -7.76 -6.76
CA THR A 165 0.65 -7.07 -7.60
C THR A 165 0.64 -7.69 -9.00
N LYS A 166 -0.55 -7.70 -9.61
CA LYS A 166 -0.76 -8.20 -10.96
C LYS A 166 -1.64 -7.21 -11.72
N HIS A 167 -1.09 -6.65 -12.80
CA HIS A 167 -1.88 -5.80 -13.74
C HIS A 167 -2.25 -6.62 -14.95
N ASN A 168 -3.43 -6.38 -15.53
CA ASN A 168 -3.81 -7.08 -16.76
C ASN A 168 -2.75 -7.11 -17.84
N ASP A 169 -1.98 -6.04 -17.96
CA ASP A 169 -1.12 -5.97 -19.15
C ASP A 169 0.27 -6.61 -18.95
N ASP A 170 0.49 -7.18 -17.77
CA ASP A 170 1.83 -7.51 -17.35
C ASP A 170 1.77 -8.75 -16.45
N GLU A 171 2.94 -9.16 -16.01
CA GLU A 171 3.10 -10.29 -15.11
C GLU A 171 2.96 -9.93 -13.62
N GLN A 172 2.91 -10.96 -12.77
CA GLN A 172 2.80 -10.73 -11.33
C GLN A 172 4.20 -10.46 -10.73
N TYR A 173 4.32 -9.37 -9.97
CA TYR A 173 5.60 -8.94 -9.36
C TYR A 173 5.50 -8.96 -7.86
N ALA A 174 6.66 -9.15 -7.22
CA ALA A 174 6.85 -8.89 -5.81
C ALA A 174 7.82 -7.72 -5.74
N TRP A 175 7.38 -6.63 -5.11
CA TRP A 175 8.21 -5.48 -4.75
C TRP A 175 8.44 -5.64 -3.26
N GLU A 176 9.57 -5.16 -2.77
CA GLU A 176 9.88 -5.25 -1.39
C GLU A 176 10.90 -4.18 -0.96
N SER A 177 10.69 -3.57 0.23
CA SER A 177 11.59 -2.63 0.83
C SER A 177 11.53 -2.55 2.36
N SER A 178 12.70 -2.52 2.97
CA SER A 178 12.79 -2.17 4.37
C SER A 178 13.36 -0.75 4.47
N ALA A 179 13.09 0.06 3.47
CA ALA A 179 13.67 1.39 3.37
C ALA A 179 15.19 1.21 3.39
N GLY A 180 15.92 2.02 4.16
CA GLY A 180 17.38 2.04 4.02
C GLY A 180 17.87 2.38 2.60
N GLY A 181 17.00 2.98 1.79
CA GLY A 181 17.42 3.61 0.51
C GLY A 181 17.28 2.71 -0.71
N SER A 182 16.85 1.47 -0.49
CA SER A 182 16.68 0.56 -1.64
C SER A 182 15.41 -0.30 -1.58
N PHE A 183 15.01 -0.70 -2.78
CA PHE A 183 13.94 -1.65 -2.96
C PHE A 183 14.30 -2.74 -4.00
N THR A 184 13.60 -3.88 -3.91
CA THR A 184 13.76 -4.92 -4.90
C THR A 184 12.42 -5.19 -5.57
N VAL A 185 12.53 -5.65 -6.82
CA VAL A 185 11.42 -6.18 -7.59
C VAL A 185 11.89 -7.52 -8.16
N ARG A 186 11.00 -8.52 -8.13
CA ARG A 186 11.21 -9.73 -8.88
CA ARG A 186 11.20 -9.82 -8.75
C ARG A 186 9.87 -10.25 -9.40
N THR A 187 9.94 -11.09 -10.45
CA THR A 187 8.72 -11.71 -10.91
C THR A 187 8.30 -12.74 -9.84
N ASP A 188 7.01 -12.76 -9.53
CA ASP A 188 6.58 -13.50 -8.38
C ASP A 188 6.09 -14.88 -8.81
N THR A 189 6.46 -15.89 -8.03
CA THR A 189 6.09 -17.25 -8.35
C THR A 189 5.31 -17.83 -7.13
N GLY A 190 4.58 -16.97 -6.40
CA GLY A 190 3.66 -17.42 -5.36
C GLY A 190 2.31 -17.86 -5.92
N GLU A 191 1.30 -17.88 -5.07
CA GLU A 191 -0.07 -18.11 -5.55
C GLU A 191 -0.45 -16.96 -6.55
N PRO A 192 -0.87 -17.31 -7.78
CA PRO A 192 -1.27 -16.30 -8.76
C PRO A 192 -2.53 -15.58 -8.29
N MET A 193 -2.57 -14.24 -8.40
CA MET A 193 -3.74 -13.55 -7.79
C MET A 193 -4.86 -13.10 -8.74
N GLY A 194 -4.70 -13.32 -10.03
CA GLY A 194 -5.77 -12.91 -10.94
C GLY A 194 -5.47 -11.49 -11.43
N ARG A 195 -5.67 -10.51 -10.55
CA ARG A 195 -5.48 -9.09 -10.82
C ARG A 195 -5.66 -8.40 -9.46
N GLY A 196 -4.75 -7.49 -9.16
CA GLY A 196 -4.88 -6.74 -7.94
C GLY A 196 -3.57 -6.52 -7.24
N THR A 197 -3.66 -6.30 -5.91
CA THR A 197 -2.53 -5.88 -5.13
C THR A 197 -2.68 -6.38 -3.71
N LYS A 198 -1.58 -6.91 -3.19
CA LYS A 198 -1.48 -7.30 -1.83
C LYS A 198 -0.35 -6.49 -1.20
N VAL A 199 -0.68 -5.72 -0.16
CA VAL A 199 0.33 -5.00 0.60
C VAL A 199 0.54 -5.76 1.89
N ILE A 200 1.70 -6.39 2.03
CA ILE A 200 2.02 -7.16 3.24
C ILE A 200 2.88 -6.31 4.14
N LEU A 201 2.34 -5.97 5.29
CA LEU A 201 3.03 -5.17 6.25
C LEU A 201 3.67 -6.11 7.25
N HIS A 202 5.01 -6.15 7.24
CA HIS A 202 5.78 -6.88 8.27
C HIS A 202 5.92 -5.90 9.45
N LEU A 203 5.15 -6.14 10.50
CA LEU A 203 5.01 -5.15 11.58
C LEU A 203 6.23 -5.04 12.46
N LYS A 204 6.54 -3.81 12.87
CA LYS A 204 7.49 -3.58 13.95
C LYS A 204 7.01 -4.33 15.18
N GLU A 205 7.97 -4.83 15.97
CA GLU A 205 7.66 -5.69 17.14
C GLU A 205 6.73 -5.02 18.17
N ASP A 206 6.73 -3.72 18.21
CA ASP A 206 5.88 -2.99 19.15
C ASP A 206 4.56 -2.51 18.50
N GLN A 207 4.25 -3.02 17.30
CA GLN A 207 3.02 -2.59 16.64
C GLN A 207 2.02 -3.69 16.41
N THR A 208 2.06 -4.74 17.20
CA THR A 208 1.21 -5.93 16.98
C THR A 208 -0.28 -5.71 17.32
N GLU A 209 -0.62 -4.57 17.92
CA GLU A 209 -2.01 -4.26 18.20
C GLU A 209 -2.79 -4.26 16.86
N TYR A 210 -2.08 -3.96 15.77
CA TYR A 210 -2.69 -3.93 14.43
C TYR A 210 -2.97 -5.30 13.86
N LEU A 211 -2.65 -6.34 14.63
CA LEU A 211 -3.07 -7.69 14.28
C LEU A 211 -4.40 -8.05 14.94
N GLU A 212 -4.84 -7.23 15.87
CA GLU A 212 -5.98 -7.52 16.76
C GLU A 212 -7.28 -7.12 16.14
N GLU A 213 -8.24 -8.05 16.15
CA GLU A 213 -9.57 -7.85 15.53
C GLU A 213 -10.28 -6.58 16.02
N ARG A 214 -10.39 -6.42 17.32
CA ARG A 214 -11.09 -5.27 17.86
C ARG A 214 -10.36 -3.96 17.54
N ARG A 215 -9.04 -3.99 17.44
CA ARG A 215 -8.28 -2.79 17.06
C ARG A 215 -8.51 -2.42 15.59
N ILE A 216 -8.43 -3.42 14.69
CA ILE A 216 -8.67 -3.18 13.25
C ILE A 216 -10.11 -2.71 12.98
N LYS A 217 -11.10 -3.37 13.63
CA LYS A 217 -12.51 -2.99 13.54
C LYS A 217 -12.70 -1.56 13.95
N GLU A 218 -12.22 -1.19 15.16
CA GLU A 218 -12.20 0.23 15.61
C GLU A 218 -11.65 1.17 14.51
N ILE A 219 -10.47 0.84 13.98
CA ILE A 219 -9.83 1.73 13.00
C ILE A 219 -10.64 1.85 11.70
N VAL A 220 -11.15 0.72 11.19
CA VAL A 220 -11.98 0.77 9.98
C VAL A 220 -13.25 1.55 10.20
N LYS A 221 -13.90 1.33 11.35
CA LYS A 221 -15.15 1.97 11.71
C LYS A 221 -14.99 3.51 11.78
N LYS A 222 -13.84 3.95 12.32
CA LYS A 222 -13.46 5.36 12.53
C LYS A 222 -12.98 6.14 11.27
N HIS A 223 -12.19 5.51 10.39
CA HIS A 223 -11.60 6.21 9.24
C HIS A 223 -12.05 5.73 7.85
N SER A 224 -12.73 4.59 7.75
CA SER A 224 -12.98 3.97 6.44
C SER A 224 -14.41 3.52 6.25
N GLN A 225 -15.27 4.16 7.01
CA GLN A 225 -16.69 3.85 7.12
C GLN A 225 -17.45 3.88 5.78
N PHE A 226 -17.07 4.77 4.87
CA PHE A 226 -17.86 4.97 3.63
C PHE A 226 -17.26 4.46 2.32
N ILE A 227 -16.23 3.62 2.43
CA ILE A 227 -15.57 3.05 1.28
C ILE A 227 -16.61 2.30 0.46
N GLY A 228 -16.60 2.50 -0.85
CA GLY A 228 -17.69 1.91 -1.68
C GLY A 228 -17.47 0.47 -2.16
N TYR A 229 -16.79 -0.35 -1.35
CA TYR A 229 -16.44 -1.73 -1.67
C TYR A 229 -16.56 -2.50 -0.37
N PRO A 230 -16.92 -3.81 -0.42
CA PRO A 230 -16.97 -4.57 0.83
C PRO A 230 -15.55 -4.79 1.37
N ILE A 231 -15.40 -4.53 2.67
CA ILE A 231 -14.15 -4.71 3.35
C ILE A 231 -14.35 -5.89 4.28
N THR A 232 -13.71 -7.03 3.97
CA THR A 232 -13.79 -8.20 4.85
C THR A 232 -12.59 -8.33 5.76
N LEU A 233 -12.83 -8.24 7.07
CA LEU A 233 -11.79 -8.49 8.06
C LEU A 233 -11.72 -9.99 8.39
N PHE A 234 -10.66 -10.64 7.92
CA PHE A 234 -10.47 -12.07 8.17
C PHE A 234 -10.16 -12.24 9.65
N VAL A 235 -10.64 -13.33 10.23
CA VAL A 235 -10.30 -13.74 11.62
C VAL A 235 -9.09 -14.70 11.59
N GLU A 236 -8.35 -14.80 12.67
CA GLU A 236 -7.27 -15.83 12.76
C GLU A 236 -7.75 -17.12 13.38
C1 42C B . -1.72 1.47 -5.99
C2 42C B . -2.43 0.68 -4.99
C3 42C B . -3.14 -0.49 -5.48
C5 42C B . -2.59 0.02 -7.68
C8 42C B . -3.36 -0.41 -3.34
C11 42C B . -0.17 3.36 -6.63
C12 42C B . -1.18 3.36 -4.40
N10 42C B . -1.01 2.67 -5.66
N6 42C B . -1.87 1.10 -7.29
N4 42C B . -3.22 -0.78 -6.81
N9 42C B . -3.75 -1.09 -4.42
N7 42C B . -2.57 0.64 -3.66
C1 37D C . 3.50 6.81 -4.02
C2 37D C . 2.23 6.28 -4.28
C4 37D C . 3.78 4.66 -4.35
C5 37D C . 4.48 5.81 -4.09
C6 37D C . 4.49 3.35 -4.53
C9 37D C . 5.07 1.10 -4.65
C10 37D C . 3.97 2.00 -4.28
C11 37D C . 2.63 1.60 -3.83
C13 37D C . 1.02 -0.28 -3.40
C15 37D C . 5.10 -0.43 -4.59
O14 37D C . 1.72 2.39 -3.63
O12 37D C . 2.35 0.21 -3.67
N8 37D C . 6.06 1.93 -5.07
N7 37D C . 5.73 3.29 -4.98
O3 37D C . 2.42 4.84 -4.51
#